data_6SXF
#
_entry.id   6SXF
#
_cell.length_a   107.956
_cell.length_b   107.956
_cell.length_c   212.224
_cell.angle_alpha   90.000
_cell.angle_beta   90.000
_cell.angle_gamma   90.000
#
_symmetry.space_group_name_H-M   'P 4 21 2'
#
loop_
_entity.id
_entity.type
_entity.pdbx_description
1 polymer 'Ion transport protein'
2 non-polymer 'SODIUM ION'
3 non-polymer HEGA-10
4 non-polymer 'DODECAETHYLENE GLYCOL'
5 non-polymer (Z)-2-[4-(1,2)-DIPHENYL-1-BUTENYL)-PHENOXY]-N,N-DIMETHYLETHANAMINE
6 water water
#
_entity_poly.entity_id   1
_entity_poly.type   'polypeptide(L)'
_entity_poly.pdbx_seq_one_letter_code
;GSHMSRKIRDLIESKRFQNVITAIIVLNGAVLGLLTDTTLSASSQNLLERVDQLCLTIFIVEISLKIYAYGVRGFFRSGW
NLFDFVIVAIALMPAQGSLSVLRTFRIFRVMRLVSVIPTMRRVVQGMLLALPGVGSVAALLTVVFYIAAVMATNLYGATF
PEWFGDLSKSLYTLFQVMTLESWSMGIVRPVMNVHPNAWVFFIPFIMLTTLTVLNLFIGIIVDAMAITKEQEEEAKTGHH
QEPISQTLLHLGDRLDRIEKQLAQNNELLQRQQPQKK
;
_entity_poly.pdbx_strand_id   A,B
#
loop_
_chem_comp.id
_chem_comp.type
_chem_comp.name
_chem_comp.formula
12P non-polymer 'DODECAETHYLENE GLYCOL' 'C24 H50 O13'
2CV non-polymer HEGA-10 'C18 H37 N O7'
CTX non-polymer (Z)-2-[4-(1,2)-DIPHENYL-1-BUTENYL)-PHENOXY]-N,N-DIMETHYLETHANAMINE 'C26 H29 N O'
NA non-polymer 'SODIUM ION' 'Na 1'
#
# COMPACT_ATOMS: atom_id res chain seq x y z
N SER A 2 11.48 31.74 54.00
CA SER A 2 10.87 33.05 54.28
C SER A 2 9.34 32.97 54.43
N HIS A 3 8.68 34.08 54.86
CA HIS A 3 7.21 34.10 55.01
C HIS A 3 6.51 33.85 53.68
N MET A 4 6.85 34.61 52.62
CA MET A 4 6.23 34.45 51.31
C MET A 4 6.58 33.10 50.69
N SER A 5 7.79 32.59 50.94
CA SER A 5 8.17 31.26 50.44
C SER A 5 7.67 30.13 51.36
N ARG A 6 6.58 30.38 52.12
CA ARG A 6 5.96 29.40 53.01
C ARG A 6 4.45 29.43 52.86
N LYS A 7 3.85 30.62 52.64
CA LYS A 7 2.41 30.70 52.37
C LYS A 7 2.14 30.04 50.99
N ILE A 8 3.03 30.31 50.00
CA ILE A 8 2.97 29.78 48.65
C ILE A 8 3.21 28.27 48.63
N ARG A 9 4.21 27.76 49.38
CA ARG A 9 4.49 26.32 49.45
C ARG A 9 3.36 25.54 50.14
N ASP A 10 2.70 26.14 51.15
CA ASP A 10 1.58 25.48 51.83
C ASP A 10 0.28 25.48 51.01
N LEU A 11 0.21 26.32 49.95
CA LEU A 11 -0.91 26.39 49.00
C LEU A 11 -0.70 25.28 47.93
N ILE A 12 0.53 25.17 47.41
CA ILE A 12 0.96 24.19 46.43
C ILE A 12 0.74 22.75 46.94
N GLU A 13 0.94 22.51 48.24
CA GLU A 13 0.75 21.19 48.83
C GLU A 13 -0.70 20.86 49.20
N SER A 14 -1.60 21.86 49.20
CA SER A 14 -3.00 21.66 49.57
C SER A 14 -3.77 20.85 48.54
N LYS A 15 -4.83 20.16 48.99
CA LYS A 15 -5.65 19.36 48.07
C LYS A 15 -6.54 20.22 47.18
N ARG A 16 -6.86 21.48 47.60
CA ARG A 16 -7.67 22.38 46.78
C ARG A 16 -6.87 22.84 45.56
N PHE A 17 -5.57 23.14 45.75
CA PHE A 17 -4.69 23.53 44.66
C PHE A 17 -4.50 22.37 43.72
N GLN A 18 -4.30 21.16 44.26
CA GLN A 18 -4.12 19.95 43.44
C GLN A 18 -5.36 19.71 42.59
N ASN A 19 -6.56 19.92 43.18
CA ASN A 19 -7.84 19.74 42.50
C ASN A 19 -8.03 20.75 41.38
N VAL A 20 -7.66 22.02 41.61
CA VAL A 20 -7.77 23.07 40.61
C VAL A 20 -6.86 22.75 39.41
N ILE A 21 -5.60 22.38 39.68
CA ILE A 21 -4.66 22.02 38.62
C ILE A 21 -5.15 20.80 37.86
N THR A 22 -5.73 19.81 38.58
CA THR A 22 -6.33 18.62 38.01
C THR A 22 -7.45 19.01 37.03
N ALA A 23 -8.40 19.85 37.47
CA ALA A 23 -9.48 20.33 36.61
C ALA A 23 -8.97 21.05 35.37
N ILE A 24 -7.89 21.85 35.50
CA ILE A 24 -7.31 22.54 34.35
C ILE A 24 -6.69 21.55 33.34
N ILE A 25 -6.09 20.44 33.83
CA ILE A 25 -5.53 19.41 32.96
C ILE A 25 -6.65 18.68 32.23
N VAL A 26 -7.78 18.43 32.90
CA VAL A 26 -8.94 17.77 32.30
C VAL A 26 -9.60 18.70 31.26
N LEU A 27 -9.65 20.00 31.54
CA LEU A 27 -10.18 20.99 30.61
C LEU A 27 -9.28 21.03 29.37
N ASN A 28 -7.95 21.02 29.56
CA ASN A 28 -7.02 21.06 28.43
C ASN A 28 -7.19 19.86 27.50
N GLY A 29 -7.36 18.69 28.07
CA GLY A 29 -7.56 17.48 27.28
C GLY A 29 -8.91 17.48 26.60
N ALA A 30 -9.95 18.01 27.29
CA ALA A 30 -11.29 18.07 26.74
C ALA A 30 -11.32 18.98 25.54
N VAL A 31 -10.65 20.16 25.58
CA VAL A 31 -10.67 21.05 24.40
C VAL A 31 -9.82 20.48 23.24
N LEU A 32 -8.71 19.80 23.55
CA LEU A 32 -7.91 19.15 22.51
C LEU A 32 -8.67 17.99 21.84
N GLY A 33 -9.61 17.40 22.58
CA GLY A 33 -10.51 16.34 22.12
C GLY A 33 -11.53 16.90 21.16
N LEU A 34 -12.15 18.04 21.51
CA LEU A 34 -13.10 18.73 20.64
C LEU A 34 -12.40 19.23 19.37
N LEU A 35 -11.14 19.68 19.48
CA LEU A 35 -10.30 20.13 18.36
C LEU A 35 -10.00 19.05 17.32
N THR A 36 -10.42 17.80 17.56
CA THR A 36 -10.29 16.74 16.56
C THR A 36 -11.49 16.73 15.59
N ASP A 37 -12.49 17.63 15.81
CA ASP A 37 -13.67 17.77 15.00
C ASP A 37 -13.37 18.61 13.77
N THR A 38 -13.28 17.91 12.66
CA THR A 38 -13.04 18.43 11.32
C THR A 38 -14.18 19.39 10.86
N THR A 39 -15.41 19.14 11.32
CA THR A 39 -16.58 19.93 10.96
C THR A 39 -16.79 21.19 11.81
N LEU A 40 -15.83 21.55 12.68
CA LEU A 40 -15.96 22.73 13.53
C LEU A 40 -16.02 24.05 12.74
N SER A 41 -16.50 25.13 13.38
CA SER A 41 -16.53 26.45 12.78
C SER A 41 -15.13 27.07 12.84
N ALA A 42 -14.87 28.09 12.03
CA ALA A 42 -13.58 28.79 12.09
C ALA A 42 -13.46 29.52 13.44
N SER A 43 -14.60 30.06 13.98
CA SER A 43 -14.65 30.75 15.26
C SER A 43 -14.53 29.80 16.43
N SER A 44 -15.08 28.58 16.30
CA SER A 44 -15.02 27.59 17.37
C SER A 44 -13.58 27.18 17.65
N GLN A 45 -12.76 27.08 16.59
CA GLN A 45 -11.36 26.71 16.69
C GLN A 45 -10.51 27.75 17.40
N ASN A 46 -10.73 29.03 17.09
CA ASN A 46 -10.00 30.10 17.77
C ASN A 46 -10.40 30.13 19.25
N LEU A 47 -11.69 29.91 19.55
CA LEU A 47 -12.26 29.85 20.89
C LEU A 47 -11.66 28.70 21.70
N LEU A 48 -11.52 27.51 21.08
CA LEU A 48 -10.97 26.34 21.74
C LEU A 48 -9.47 26.50 21.94
N GLU A 49 -8.75 26.99 20.92
CA GLU A 49 -7.31 27.21 21.06
C GLU A 49 -6.98 28.32 22.06
N ARG A 50 -7.93 29.25 22.28
CA ARG A 50 -7.85 30.32 23.27
C ARG A 50 -7.93 29.69 24.67
N VAL A 51 -8.79 28.68 24.85
CA VAL A 51 -8.90 27.93 26.09
C VAL A 51 -7.62 27.11 26.34
N ASP A 52 -6.96 26.64 25.27
CA ASP A 52 -5.70 25.89 25.34
C ASP A 52 -4.59 26.82 25.87
N GLN A 53 -4.55 28.07 25.40
CA GLN A 53 -3.56 29.03 25.87
C GLN A 53 -3.82 29.38 27.34
N LEU A 54 -5.09 29.54 27.70
CA LEU A 54 -5.53 29.84 29.07
C LEU A 54 -5.10 28.71 30.02
N CYS A 55 -5.20 27.46 29.57
CA CYS A 55 -4.80 26.30 30.36
C CYS A 55 -3.30 26.32 30.55
N LEU A 56 -2.55 26.45 29.46
CA LEU A 56 -1.09 26.42 29.44
C LEU A 56 -0.47 27.55 30.26
N THR A 57 -1.08 28.74 30.24
CA THR A 57 -0.57 29.87 31.02
C THR A 57 -0.81 29.68 32.53
N ILE A 58 -1.85 28.90 32.91
CA ILE A 58 -2.11 28.53 34.31
C ILE A 58 -0.98 27.60 34.78
N PHE A 59 -0.55 26.65 33.91
CA PHE A 59 0.54 25.74 34.24
C PHE A 59 1.85 26.51 34.41
N ILE A 60 2.09 27.53 33.59
CA ILE A 60 3.28 28.36 33.72
C ILE A 60 3.31 29.06 35.09
N VAL A 61 2.16 29.60 35.54
CA VAL A 61 2.06 30.25 36.84
C VAL A 61 2.23 29.23 37.98
N GLU A 62 1.69 28.01 37.79
CA GLU A 62 1.80 26.91 38.75
C GLU A 62 3.26 26.41 38.89
N ILE A 63 4.00 26.25 37.78
CA ILE A 63 5.40 25.82 37.77
C ILE A 63 6.28 26.87 38.42
N SER A 64 6.04 28.16 38.09
CA SER A 64 6.79 29.29 38.65
C SER A 64 6.56 29.42 40.16
N LEU A 65 5.32 29.15 40.60
CA LEU A 65 4.95 29.18 42.02
C LEU A 65 5.80 28.15 42.78
N LYS A 66 5.99 26.95 42.20
CA LYS A 66 6.75 25.83 42.73
C LYS A 66 8.24 26.11 42.71
N ILE A 67 8.76 26.72 41.63
CA ILE A 67 10.18 27.03 41.57
C ILE A 67 10.53 28.13 42.60
N TYR A 68 9.59 29.08 42.85
CA TYR A 68 9.80 30.10 43.87
C TYR A 68 9.70 29.47 45.27
N ALA A 69 8.71 28.60 45.49
CA ALA A 69 8.48 28.01 46.81
C ALA A 69 9.49 26.95 47.23
N TYR A 70 10.07 26.21 46.28
CA TYR A 70 11.00 25.13 46.61
C TYR A 70 12.47 25.41 46.22
N GLY A 71 12.69 26.34 45.31
CA GLY A 71 14.03 26.64 44.81
C GLY A 71 14.36 25.85 43.56
N VAL A 72 15.46 26.20 42.86
CA VAL A 72 15.83 25.48 41.63
C VAL A 72 16.34 24.07 41.94
N ARG A 73 17.16 23.93 42.98
CA ARG A 73 17.68 22.63 43.37
C ARG A 73 16.59 21.73 43.95
N GLY A 74 15.72 22.32 44.78
CA GLY A 74 14.61 21.62 45.42
C GLY A 74 13.53 21.17 44.46
N PHE A 75 13.18 22.02 43.48
CA PHE A 75 12.16 21.69 42.49
C PHE A 75 12.70 20.66 41.49
N PHE A 76 13.88 20.91 40.90
CA PHE A 76 14.44 19.98 39.91
C PHE A 76 15.08 18.72 40.52
N ARG A 77 15.03 18.58 41.87
CA ARG A 77 15.49 17.40 42.59
C ARG A 77 14.56 16.23 42.27
N SER A 78 13.23 16.49 42.23
CA SER A 78 12.24 15.46 41.90
C SER A 78 12.21 15.22 40.41
N GLY A 79 12.09 13.96 40.02
CA GLY A 79 11.98 13.58 38.62
C GLY A 79 10.63 13.90 38.03
N TRP A 80 9.58 13.86 38.86
CA TRP A 80 8.22 14.18 38.44
C TRP A 80 8.05 15.65 38.12
N ASN A 81 8.79 16.51 38.83
CA ASN A 81 8.79 17.95 38.62
C ASN A 81 9.56 18.32 37.36
N LEU A 82 10.66 17.59 37.06
CA LEU A 82 11.44 17.78 35.84
C LEU A 82 10.55 17.44 34.62
N PHE A 83 9.74 16.37 34.73
CA PHE A 83 8.80 15.93 33.70
C PHE A 83 7.75 17.04 33.46
N ASP A 84 7.11 17.54 34.54
CA ASP A 84 6.10 18.61 34.53
C ASP A 84 6.64 19.83 33.81
N PHE A 85 7.91 20.18 34.08
CA PHE A 85 8.59 21.32 33.51
C PHE A 85 8.72 21.15 32.01
N VAL A 86 9.27 20.01 31.56
CA VAL A 86 9.48 19.73 30.14
C VAL A 86 8.17 19.73 29.35
N ILE A 87 7.08 19.19 29.92
CA ILE A 87 5.76 19.16 29.28
C ILE A 87 5.29 20.58 28.96
N VAL A 88 5.47 21.49 29.92
CA VAL A 88 5.06 22.88 29.77
C VAL A 88 6.05 23.70 28.93
N ALA A 89 7.36 23.51 29.13
CA ALA A 89 8.43 24.22 28.42
C ALA A 89 8.51 23.88 26.95
N ILE A 90 8.15 22.65 26.58
CA ILE A 90 8.17 22.24 25.18
C ILE A 90 7.08 22.99 24.40
N ALA A 91 5.94 23.32 25.03
CA ALA A 91 4.88 24.09 24.38
C ALA A 91 5.34 25.50 23.94
N LEU A 92 6.49 25.99 24.45
CA LEU A 92 7.04 27.29 24.05
C LEU A 92 8.27 27.15 23.12
N MET A 93 8.51 25.96 22.56
CA MET A 93 9.67 25.69 21.71
C MET A 93 9.30 25.55 20.25
N PRO A 94 9.76 26.47 19.39
CA PRO A 94 9.44 26.37 17.96
C PRO A 94 10.36 25.42 17.18
N ARG A 103 3.12 20.27 15.71
CA ARG A 103 3.23 19.46 16.93
C ARG A 103 1.89 18.88 17.34
N THR A 104 1.57 17.70 16.81
CA THR A 104 0.33 17.00 17.16
C THR A 104 0.40 16.36 18.59
N PHE A 105 1.52 16.57 19.32
CA PHE A 105 1.69 15.95 20.62
C PHE A 105 1.30 16.84 21.78
N ARG A 106 0.29 17.68 21.58
CA ARG A 106 -0.25 18.52 22.65
C ARG A 106 -1.03 17.64 23.62
N ILE A 107 -1.70 16.58 23.14
CA ILE A 107 -2.48 15.69 23.99
C ILE A 107 -1.61 15.00 25.04
N PHE A 108 -0.28 14.90 24.81
CA PHE A 108 0.64 14.34 25.80
C PHE A 108 0.66 15.15 27.11
N ARG A 109 0.14 16.40 27.08
CA ARG A 109 -0.06 17.29 28.20
C ARG A 109 -1.01 16.63 29.22
N VAL A 110 -1.91 15.73 28.79
CA VAL A 110 -2.80 15.00 29.69
C VAL A 110 -2.00 14.02 30.60
N MET A 111 -0.78 13.60 30.17
CA MET A 111 0.08 12.75 31.01
C MET A 111 0.35 13.37 32.38
N ARG A 112 0.19 14.71 32.51
CA ARG A 112 0.34 15.42 33.76
C ARG A 112 -0.65 14.92 34.83
N LEU A 113 -1.77 14.30 34.44
CA LEU A 113 -2.72 13.72 35.40
C LEU A 113 -2.03 12.64 36.23
N VAL A 114 -1.06 11.94 35.66
CA VAL A 114 -0.30 10.92 36.38
C VAL A 114 0.58 11.60 37.43
N SER A 115 1.30 12.67 37.06
CA SER A 115 2.19 13.34 38.02
C SER A 115 1.48 14.20 39.07
N VAL A 116 0.28 14.71 38.79
CA VAL A 116 -0.42 15.60 39.72
C VAL A 116 -1.31 14.81 40.71
N ILE A 117 -1.86 13.65 40.30
CA ILE A 117 -2.66 12.83 41.22
C ILE A 117 -1.74 11.83 41.90
N PRO A 118 -1.54 11.97 43.23
CA PRO A 118 -0.59 11.10 43.95
C PRO A 118 -0.78 9.59 43.81
N THR A 119 -2.04 9.08 43.85
CA THR A 119 -2.26 7.64 43.71
C THR A 119 -1.81 7.15 42.34
N MET A 120 -2.08 7.95 41.30
CA MET A 120 -1.66 7.60 39.96
C MET A 120 -0.15 7.67 39.83
N ARG A 121 0.46 8.69 40.45
CA ARG A 121 1.90 8.86 40.46
C ARG A 121 2.58 7.66 41.14
N ARG A 122 1.96 7.10 42.19
CA ARG A 122 2.54 5.95 42.88
C ARG A 122 2.37 4.64 42.13
N VAL A 123 1.41 4.56 41.20
CA VAL A 123 1.19 3.37 40.40
C VAL A 123 2.24 3.32 39.29
N VAL A 124 2.38 4.41 38.52
CA VAL A 124 3.39 4.52 37.47
C VAL A 124 4.82 4.42 38.05
N GLN A 125 5.04 4.98 39.24
CA GLN A 125 6.35 4.92 39.86
C GLN A 125 6.80 3.51 40.16
N GLY A 126 5.89 2.68 40.65
CA GLY A 126 6.17 1.27 40.94
C GLY A 126 6.52 0.52 39.68
N MET A 127 5.85 0.82 38.58
CA MET A 127 6.12 0.21 37.29
C MET A 127 7.48 0.63 36.76
N LEU A 128 7.84 1.91 36.92
CA LEU A 128 9.13 2.40 36.45
C LEU A 128 10.26 1.76 37.25
N LEU A 129 10.09 1.65 38.57
CA LEU A 129 11.11 1.04 39.42
C LEU A 129 11.27 -0.47 39.19
N ALA A 130 10.21 -1.13 38.67
CA ALA A 130 10.22 -2.55 38.35
C ALA A 130 10.96 -2.88 37.06
N LEU A 131 11.06 -1.91 36.13
CA LEU A 131 11.71 -2.10 34.83
C LEU A 131 13.15 -2.58 34.89
N PRO A 132 14.06 -2.01 35.70
CA PRO A 132 15.44 -2.55 35.74
C PRO A 132 15.51 -4.07 36.05
N GLY A 133 14.65 -4.53 36.96
CA GLY A 133 14.59 -5.95 37.33
C GLY A 133 14.32 -6.88 36.18
N VAL A 134 13.54 -6.44 35.18
CA VAL A 134 13.23 -7.27 34.02
C VAL A 134 14.10 -6.96 32.78
N GLY A 135 15.21 -6.26 32.98
CA GLY A 135 16.11 -5.87 31.91
C GLY A 135 16.66 -7.05 31.15
N SER A 136 17.02 -8.11 31.87
CA SER A 136 17.57 -9.31 31.24
C SER A 136 16.56 -10.05 30.41
N VAL A 137 15.28 -10.03 30.81
CA VAL A 137 14.24 -10.73 30.06
C VAL A 137 13.93 -9.94 28.82
N ALA A 138 13.84 -8.60 28.90
CA ALA A 138 13.61 -7.79 27.71
C ALA A 138 14.80 -7.94 26.71
N ALA A 139 16.03 -8.09 27.24
CA ALA A 139 17.18 -8.32 26.38
C ALA A 139 17.09 -9.72 25.72
N LEU A 140 16.65 -10.72 26.50
CA LEU A 140 16.50 -12.06 25.98
C LEU A 140 15.46 -12.10 24.86
N LEU A 141 14.34 -11.39 25.03
CA LEU A 141 13.30 -11.33 24.00
C LEU A 141 13.84 -10.61 22.76
N THR A 142 14.69 -9.58 22.95
CA THR A 142 15.30 -8.83 21.84
C THR A 142 16.22 -9.71 21.01
N VAL A 143 17.13 -10.45 21.66
CA VAL A 143 18.02 -11.42 21.04
C VAL A 143 17.21 -12.45 20.22
N VAL A 144 16.14 -13.05 20.82
CA VAL A 144 15.28 -14.00 20.12
C VAL A 144 14.63 -13.34 18.90
N PHE A 145 14.18 -12.08 19.00
CA PHE A 145 13.57 -11.41 17.85
C PHE A 145 14.55 -11.12 16.75
N TYR A 146 15.80 -10.78 17.11
CA TYR A 146 16.79 -10.43 16.11
C TYR A 146 17.24 -11.66 15.33
N ILE A 147 17.64 -12.75 16.07
CA ILE A 147 18.05 -14.03 15.48
C ILE A 147 16.92 -14.57 14.58
N ALA A 148 15.67 -14.44 15.03
CA ALA A 148 14.54 -14.90 14.26
C ALA A 148 14.33 -14.04 13.04
N ALA A 149 14.45 -12.68 13.14
CA ALA A 149 14.25 -11.80 12.00
C ALA A 149 15.27 -12.05 10.93
N VAL A 150 16.54 -12.26 11.31
CA VAL A 150 17.58 -12.58 10.33
C VAL A 150 17.27 -13.90 9.63
N MET A 151 16.89 -14.95 10.38
CA MET A 151 16.58 -16.24 9.78
C MET A 151 15.40 -16.16 8.84
N ALA A 152 14.34 -15.43 9.24
CA ALA A 152 13.15 -15.30 8.43
C ALA A 152 13.45 -14.55 7.16
N THR A 153 14.30 -13.52 7.20
CA THR A 153 14.63 -12.77 6.01
C THR A 153 15.36 -13.64 5.02
N ASN A 154 16.34 -14.40 5.48
CA ASN A 154 17.10 -15.31 4.63
C ASN A 154 16.26 -16.45 4.09
N LEU A 155 15.32 -17.00 4.90
CA LEU A 155 14.54 -18.15 4.47
C LEU A 155 13.39 -17.81 3.59
N TYR A 156 12.62 -16.77 3.95
CA TYR A 156 11.38 -16.46 3.25
C TYR A 156 11.31 -15.13 2.52
N GLY A 157 12.37 -14.34 2.53
CA GLY A 157 12.33 -13.02 1.92
C GLY A 157 12.19 -12.97 0.41
N ALA A 158 12.76 -13.95 -0.32
CA ALA A 158 12.73 -13.98 -1.79
C ALA A 158 11.35 -14.42 -2.31
N THR A 159 10.66 -15.30 -1.56
CA THR A 159 9.35 -15.83 -1.92
C THR A 159 8.22 -15.04 -1.25
N PHE A 160 8.47 -14.42 -0.09
CA PHE A 160 7.45 -13.63 0.61
C PHE A 160 7.94 -12.20 0.92
N PRO A 161 8.30 -11.40 -0.12
CA PRO A 161 8.86 -10.07 0.14
C PRO A 161 7.98 -9.07 0.89
N GLU A 162 6.64 -9.15 0.86
CA GLU A 162 5.82 -8.18 1.60
C GLU A 162 6.00 -8.32 3.10
N TRP A 163 6.23 -9.58 3.59
CA TRP A 163 6.31 -9.93 5.01
C TRP A 163 7.71 -10.14 5.54
N PHE A 164 8.57 -10.78 4.74
CA PHE A 164 9.94 -11.02 5.18
C PHE A 164 10.98 -10.46 4.21
N GLY A 165 10.60 -9.48 3.39
CA GLY A 165 11.43 -8.86 2.37
C GLY A 165 12.78 -8.36 2.82
N ASP A 166 12.81 -7.71 3.98
CA ASP A 166 14.01 -7.20 4.61
C ASP A 166 13.89 -7.45 6.11
N LEU A 167 14.90 -7.04 6.89
CA LEU A 167 14.87 -7.22 8.34
C LEU A 167 13.74 -6.47 9.03
N SER A 168 13.42 -5.27 8.57
CA SER A 168 12.36 -4.45 9.16
C SER A 168 11.03 -5.12 8.93
N LYS A 169 10.78 -5.58 7.70
CA LYS A 169 9.54 -6.27 7.36
C LYS A 169 9.39 -7.54 8.21
N SER A 170 10.48 -8.30 8.35
CA SER A 170 10.54 -9.52 9.17
C SER A 170 10.27 -9.22 10.66
N LEU A 171 10.87 -8.15 11.23
CA LEU A 171 10.65 -7.82 12.64
C LEU A 171 9.16 -7.52 12.89
N TYR A 172 8.55 -6.72 12.00
CA TYR A 172 7.13 -6.40 12.10
C TYR A 172 6.24 -7.68 12.02
N THR A 173 6.50 -8.56 11.03
CA THR A 173 5.75 -9.81 10.87
C THR A 173 5.94 -10.72 12.08
N LEU A 174 7.18 -10.87 12.57
CA LEU A 174 7.42 -11.68 13.74
C LEU A 174 6.74 -11.12 14.98
N PHE A 175 6.59 -9.79 15.08
CA PHE A 175 5.84 -9.20 16.19
C PHE A 175 4.38 -9.55 16.02
N GLN A 176 3.84 -9.47 14.79
CA GLN A 176 2.45 -9.84 14.52
C GLN A 176 2.23 -11.32 14.90
N VAL A 177 3.12 -12.20 14.47
CA VAL A 177 3.07 -13.62 14.78
C VAL A 177 3.12 -13.85 16.29
N MET A 178 4.02 -13.18 17.03
CA MET A 178 4.05 -13.30 18.49
C MET A 178 2.70 -12.88 19.13
N THR A 179 2.02 -11.83 18.60
CA THR A 179 0.72 -11.47 19.16
C THR A 179 -0.41 -12.43 18.66
N LEU A 180 -0.04 -13.50 17.94
CA LEU A 180 -0.91 -14.55 17.39
C LEU A 180 -1.92 -14.02 16.37
N GLU A 181 -1.79 -12.77 15.93
CA GLU A 181 -2.74 -12.17 15.02
C GLU A 181 -2.56 -12.72 13.60
N SER A 182 -3.56 -13.48 13.10
CA SER A 182 -3.59 -14.09 11.77
C SER A 182 -2.33 -14.86 11.47
N TRP A 183 -1.61 -15.36 12.50
CA TRP A 183 -0.34 -16.00 12.27
C TRP A 183 -0.46 -17.23 11.36
N SER A 184 -1.53 -18.01 11.47
CA SER A 184 -1.66 -19.22 10.68
C SER A 184 -2.40 -19.01 9.37
N MET A 185 -3.68 -18.60 9.41
CA MET A 185 -4.43 -18.43 8.20
C MET A 185 -3.83 -17.34 7.28
N GLY A 186 -3.26 -16.31 7.92
CA GLY A 186 -2.71 -15.15 7.24
C GLY A 186 -1.25 -15.21 6.85
N ILE A 187 -0.37 -15.81 7.68
CA ILE A 187 1.04 -15.88 7.36
C ILE A 187 1.58 -17.29 7.14
N VAL A 188 1.48 -18.21 8.12
CA VAL A 188 2.18 -19.49 8.03
C VAL A 188 1.55 -20.45 7.03
N ARG A 189 0.19 -20.59 6.94
CA ARG A 189 -0.39 -21.46 5.90
C ARG A 189 0.04 -20.99 4.48
N PRO A 190 -0.04 -19.67 4.10
CA PRO A 190 0.53 -19.23 2.81
C PRO A 190 2.02 -19.55 2.64
N VAL A 191 2.84 -19.34 3.69
CA VAL A 191 4.26 -19.66 3.60
C VAL A 191 4.48 -21.16 3.39
N MET A 192 3.64 -22.01 4.01
CA MET A 192 3.78 -23.44 3.90
C MET A 192 3.46 -24.00 2.48
N ASN A 193 2.64 -23.34 1.64
CA ASN A 193 2.45 -23.84 0.27
C ASN A 193 3.77 -23.84 -0.50
N VAL A 194 4.67 -22.89 -0.20
CA VAL A 194 5.96 -22.79 -0.88
C VAL A 194 7.04 -23.53 -0.08
N HIS A 195 7.02 -23.39 1.25
CA HIS A 195 8.00 -23.99 2.15
C HIS A 195 7.27 -24.90 3.13
N PRO A 196 7.16 -26.20 2.83
CA PRO A 196 6.37 -27.10 3.68
C PRO A 196 6.79 -27.25 5.14
N ASN A 197 8.07 -27.02 5.47
CA ASN A 197 8.49 -27.20 6.86
C ASN A 197 8.59 -25.89 7.66
N ALA A 198 7.97 -24.81 7.15
CA ALA A 198 7.98 -23.51 7.78
C ALA A 198 7.48 -23.56 9.24
N TRP A 199 6.56 -24.49 9.58
CA TRP A 199 6.04 -24.66 10.95
C TRP A 199 7.14 -24.98 11.98
N VAL A 200 8.25 -25.58 11.52
CA VAL A 200 9.43 -25.89 12.33
C VAL A 200 10.12 -24.58 12.82
N PHE A 201 9.90 -23.47 12.12
CA PHE A 201 10.49 -22.21 12.49
C PHE A 201 9.48 -21.47 13.35
N PHE A 202 8.24 -21.37 12.86
CA PHE A 202 7.17 -20.58 13.40
C PHE A 202 6.64 -21.10 14.68
N ILE A 203 6.24 -22.39 14.77
CA ILE A 203 5.69 -22.94 16.01
C ILE A 203 6.68 -22.78 17.19
N PRO A 204 7.97 -23.18 17.08
CA PRO A 204 8.90 -22.94 18.22
C PRO A 204 9.07 -21.43 18.52
N PHE A 205 9.10 -20.58 17.49
CA PHE A 205 9.20 -19.14 17.70
C PHE A 205 8.02 -18.64 18.56
N ILE A 206 6.78 -19.07 18.25
CA ILE A 206 5.60 -18.67 19.01
C ILE A 206 5.71 -19.14 20.44
N MET A 207 6.04 -20.43 20.66
N MET A 207 6.02 -20.42 20.67
CA MET A 207 6.16 -21.02 22.00
CA MET A 207 6.12 -20.95 22.03
C MET A 207 7.18 -20.24 22.84
C MET A 207 7.17 -20.23 22.85
N LEU A 208 8.36 -19.97 22.27
CA LEU A 208 9.42 -19.28 22.97
C LEU A 208 9.13 -17.81 23.25
N THR A 209 8.54 -17.08 22.29
CA THR A 209 8.23 -15.68 22.47
C THR A 209 7.03 -15.44 23.38
N THR A 210 5.94 -16.22 23.28
CA THR A 210 4.80 -15.97 24.16
C THR A 210 5.19 -16.29 25.62
N LEU A 211 6.00 -17.34 25.85
CA LEU A 211 6.49 -17.64 27.19
C LEU A 211 7.30 -16.45 27.74
N THR A 212 8.28 -15.95 26.96
CA THR A 212 9.14 -14.84 27.40
C THR A 212 8.39 -13.54 27.60
N VAL A 213 7.39 -13.23 26.76
CA VAL A 213 6.61 -12.02 26.92
C VAL A 213 5.81 -12.13 28.21
N LEU A 214 5.21 -13.30 28.48
CA LEU A 214 4.46 -13.50 29.71
C LEU A 214 5.36 -13.34 30.91
N ASN A 215 6.58 -13.87 30.86
CA ASN A 215 7.56 -13.72 31.94
C ASN A 215 7.90 -12.23 32.18
N LEU A 216 8.03 -11.48 31.09
CA LEU A 216 8.34 -10.06 31.13
C LEU A 216 7.18 -9.31 31.79
N PHE A 217 5.93 -9.60 31.39
CA PHE A 217 4.78 -8.93 31.92
C PHE A 217 4.46 -9.35 33.36
N ILE A 218 4.49 -10.67 33.67
CA ILE A 218 4.29 -11.17 35.04
C ILE A 218 5.33 -10.58 35.98
N GLY A 219 6.57 -10.46 35.50
CA GLY A 219 7.65 -9.88 36.28
C GLY A 219 7.40 -8.43 36.65
N ILE A 220 7.06 -7.59 35.66
CA ILE A 220 6.78 -6.16 35.89
C ILE A 220 5.60 -6.00 36.83
N ILE A 221 4.56 -6.80 36.64
CA ILE A 221 3.36 -6.72 37.44
C ILE A 221 3.61 -7.10 38.89
N VAL A 222 4.26 -8.25 39.14
CA VAL A 222 4.52 -8.67 40.50
C VAL A 222 5.49 -7.70 41.22
N ASP A 223 6.55 -7.24 40.55
CA ASP A 223 7.50 -6.31 41.16
C ASP A 223 6.89 -4.95 41.42
N ALA A 224 6.08 -4.43 40.48
CA ALA A 224 5.41 -3.14 40.68
C ALA A 224 4.44 -3.24 41.87
N MET A 225 3.73 -4.39 42.02
CA MET A 225 2.82 -4.63 43.15
C MET A 225 3.55 -4.58 44.49
N ALA A 226 4.73 -5.21 44.59
CA ALA A 226 5.49 -5.25 45.83
C ALA A 226 6.15 -3.89 46.09
N ILE A 227 6.87 -3.31 45.11
CA ILE A 227 7.50 -2.00 45.23
C ILE A 227 6.51 -0.94 45.74
N THR A 228 5.29 -0.92 45.19
CA THR A 228 4.26 0.03 45.62
C THR A 228 3.85 -0.20 47.07
N LYS A 229 3.53 -1.45 47.42
CA LYS A 229 3.13 -1.83 48.77
C LYS A 229 4.19 -1.47 49.80
N GLU A 230 5.46 -1.62 49.43
CA GLU A 230 6.57 -1.35 50.33
C GLU A 230 6.88 0.11 50.49
N GLN A 231 6.70 0.88 49.42
CA GLN A 231 6.88 2.33 49.48
C GLN A 231 5.77 2.98 50.31
N GLU A 232 4.55 2.43 50.25
CA GLU A 232 3.38 2.82 51.03
C GLU A 232 3.71 2.61 52.53
N GLU A 233 4.38 1.48 52.87
CA GLU A 233 4.77 1.18 54.24
C GLU A 233 5.97 2.01 54.70
N GLU A 234 6.89 2.34 53.78
CA GLU A 234 8.02 3.22 54.12
C GLU A 234 7.47 4.63 54.42
N ALA A 235 6.43 5.07 53.70
CA ALA A 235 5.80 6.37 53.92
C ALA A 235 5.10 6.40 55.27
N LYS A 236 4.47 5.29 55.66
CA LYS A 236 3.75 5.15 56.91
C LYS A 236 4.70 5.03 58.14
N THR A 237 5.78 4.24 58.03
CA THR A 237 6.69 4.05 59.16
C THR A 237 7.89 5.00 59.21
N GLY A 238 8.18 5.65 58.09
CA GLY A 238 9.32 6.55 58.00
C GLY A 238 10.68 5.87 57.91
N HIS A 239 10.70 4.53 57.78
CA HIS A 239 11.96 3.78 57.66
C HIS A 239 11.92 2.75 56.52
N HIS A 240 13.12 2.34 56.07
CA HIS A 240 13.33 1.37 55.00
C HIS A 240 12.59 0.07 55.28
N GLN A 241 11.92 -0.43 54.26
CA GLN A 241 11.18 -1.67 54.34
C GLN A 241 11.99 -2.76 53.69
N GLU A 242 12.22 -3.87 54.41
CA GLU A 242 12.93 -5.01 53.86
C GLU A 242 12.06 -5.62 52.76
N PRO A 243 12.57 -5.74 51.53
CA PRO A 243 11.79 -6.35 50.46
C PRO A 243 11.23 -7.72 50.84
N ILE A 244 10.00 -8.05 50.40
CA ILE A 244 9.35 -9.31 50.74
C ILE A 244 10.19 -10.54 50.41
N SER A 245 10.89 -10.52 49.28
CA SER A 245 11.76 -11.63 48.90
C SER A 245 12.91 -11.80 49.90
N GLN A 246 13.44 -10.70 50.44
CA GLN A 246 14.51 -10.77 51.43
C GLN A 246 14.02 -11.41 52.71
N THR A 247 12.78 -11.11 53.11
CA THR A 247 12.14 -11.67 54.29
C THR A 247 11.88 -13.16 54.09
N LEU A 248 11.38 -13.53 52.90
CA LEU A 248 11.08 -14.89 52.47
C LEU A 248 12.34 -15.77 52.40
N LEU A 249 13.44 -15.26 51.82
CA LEU A 249 14.72 -15.96 51.76
C LEU A 249 15.24 -16.21 53.18
N HIS A 250 15.11 -15.23 54.11
CA HIS A 250 15.64 -15.43 55.46
C HIS A 250 14.66 -16.02 56.46
N LEU A 251 13.40 -16.30 56.06
CA LEU A 251 12.41 -16.83 56.98
C LEU A 251 12.86 -18.11 57.70
N GLY A 252 13.41 -19.06 56.95
CA GLY A 252 13.91 -20.30 57.54
C GLY A 252 15.05 -20.06 58.50
N ASP A 253 16.05 -19.29 58.05
CA ASP A 253 17.26 -18.92 58.79
C ASP A 253 16.88 -18.28 60.11
N ARG A 254 15.93 -17.35 60.07
CA ARG A 254 15.48 -16.66 61.26
C ARG A 254 14.71 -17.58 62.17
N LEU A 255 13.83 -18.41 61.60
CA LEU A 255 13.05 -19.31 62.41
C LEU A 255 13.88 -20.35 63.16
N ASP A 256 14.88 -20.96 62.53
CA ASP A 256 15.69 -21.97 63.21
C ASP A 256 16.73 -21.36 64.18
N ARG A 257 17.08 -20.07 64.01
CA ARG A 257 17.97 -19.38 64.95
C ARG A 257 17.25 -19.21 66.29
N ILE A 258 15.96 -18.86 66.26
CA ILE A 258 15.18 -18.69 67.47
C ILE A 258 14.88 -20.06 68.14
N GLU A 259 14.94 -21.18 67.38
CA GLU A 259 14.75 -22.53 67.92
C GLU A 259 15.99 -22.89 68.73
N LYS A 260 17.20 -22.64 68.17
CA LYS A 260 18.49 -22.88 68.83
C LYS A 260 18.62 -22.03 70.09
N GLN A 261 18.16 -20.77 70.01
CA GLN A 261 18.17 -19.87 71.16
C GLN A 261 17.27 -20.42 72.26
N LEU A 262 16.14 -21.03 71.91
CA LEU A 262 15.23 -21.63 72.88
C LEU A 262 15.76 -22.94 73.46
N ALA A 263 16.51 -23.73 72.69
CA ALA A 263 17.09 -24.98 73.18
C ALA A 263 18.20 -24.69 74.20
N GLN A 264 19.01 -23.65 73.92
CA GLN A 264 20.09 -23.17 74.79
C GLN A 264 19.46 -22.50 76.05
N ASN A 265 18.34 -21.79 75.87
CA ASN A 265 17.56 -21.13 76.91
C ASN A 265 17.03 -22.18 77.89
N ASN A 266 16.50 -23.30 77.38
CA ASN A 266 15.99 -24.36 78.26
C ASN A 266 17.09 -25.20 78.90
N GLU A 267 18.30 -25.18 78.34
CA GLU A 267 19.47 -25.85 78.91
C GLU A 267 19.92 -25.10 80.16
N LEU A 268 19.81 -23.75 80.17
CA LEU A 268 20.16 -22.95 81.34
C LEU A 268 19.10 -23.13 82.43
N LEU A 269 17.82 -23.23 82.04
CA LEU A 269 16.73 -23.47 82.98
C LEU A 269 16.78 -24.88 83.56
N GLN A 270 17.28 -25.86 82.77
CA GLN A 270 17.43 -27.26 83.18
C GLN A 270 18.28 -27.36 84.44
N ARG A 271 19.34 -26.55 84.54
CA ARG A 271 20.17 -26.51 85.74
C ARG A 271 19.65 -25.40 86.66
N GLN A 272 18.64 -25.74 87.48
CA GLN A 272 17.98 -24.80 88.39
C GLN A 272 17.22 -25.56 89.49
N SER B 2 17.01 -0.04 -60.85
CA SER B 2 18.24 -0.73 -61.21
C SER B 2 18.10 -2.25 -61.21
N HIS B 3 19.00 -2.95 -61.93
CA HIS B 3 18.95 -4.42 -62.00
C HIS B 3 19.32 -5.07 -60.68
N MET B 4 20.19 -4.43 -59.88
CA MET B 4 20.55 -4.97 -58.56
C MET B 4 19.36 -4.84 -57.59
N SER B 5 18.62 -3.72 -57.68
CA SER B 5 17.42 -3.41 -56.89
C SER B 5 16.18 -4.27 -57.26
N ARG B 6 16.30 -5.12 -58.28
CA ARG B 6 15.23 -6.02 -58.70
C ARG B 6 15.48 -7.41 -58.13
N LYS B 7 16.74 -7.89 -58.23
CA LYS B 7 17.17 -9.19 -57.71
C LYS B 7 16.98 -9.26 -56.19
N ILE B 8 17.23 -8.13 -55.49
CA ILE B 8 17.08 -8.05 -54.05
C ILE B 8 15.59 -8.02 -53.67
N ARG B 9 14.76 -7.34 -54.47
CA ARG B 9 13.31 -7.25 -54.26
C ARG B 9 12.62 -8.62 -54.32
N ASP B 10 12.93 -9.47 -55.32
CA ASP B 10 12.27 -10.78 -55.40
C ASP B 10 12.84 -11.78 -54.35
N LEU B 11 13.99 -11.46 -53.70
CA LEU B 11 14.52 -12.26 -52.59
C LEU B 11 13.75 -11.83 -51.32
N ILE B 12 13.61 -10.52 -51.11
CA ILE B 12 12.91 -9.89 -50.00
C ILE B 12 11.44 -10.32 -49.96
N GLU B 13 10.83 -10.48 -51.13
CA GLU B 13 9.43 -10.88 -51.23
C GLU B 13 9.18 -12.38 -51.23
N SER B 14 10.22 -13.21 -51.14
CA SER B 14 10.05 -14.66 -51.14
C SER B 14 9.56 -15.20 -49.79
N LYS B 15 9.03 -16.44 -49.79
CA LYS B 15 8.58 -17.07 -48.56
C LYS B 15 9.78 -17.54 -47.71
N ARG B 16 10.95 -17.77 -48.32
CA ARG B 16 12.14 -18.18 -47.55
C ARG B 16 12.61 -17.00 -46.69
N PHE B 17 12.69 -15.79 -47.30
CA PHE B 17 13.11 -14.58 -46.60
C PHE B 17 12.14 -14.26 -45.46
N GLN B 18 10.83 -14.32 -45.74
CA GLN B 18 9.81 -14.03 -44.73
C GLN B 18 9.92 -15.01 -43.56
N ASN B 19 10.09 -16.30 -43.86
CA ASN B 19 10.21 -17.31 -42.82
C ASN B 19 11.51 -17.19 -42.03
N VAL B 20 12.58 -16.68 -42.66
CA VAL B 20 13.87 -16.48 -42.00
C VAL B 20 13.77 -15.29 -41.01
N ILE B 21 13.10 -14.21 -41.43
CA ILE B 21 12.89 -13.05 -40.55
C ILE B 21 11.92 -13.41 -39.41
N THR B 22 10.91 -14.23 -39.69
CA THR B 22 9.97 -14.70 -38.67
C THR B 22 10.73 -15.53 -37.62
N ALA B 23 11.58 -16.45 -38.07
CA ALA B 23 12.37 -17.29 -37.17
C ALA B 23 13.31 -16.47 -36.30
N ILE B 24 13.91 -15.40 -36.85
CA ILE B 24 14.79 -14.55 -36.07
C ILE B 24 14.01 -13.72 -35.03
N ILE B 25 12.75 -13.31 -35.36
CA ILE B 25 11.89 -12.57 -34.42
C ILE B 25 11.47 -13.50 -33.27
N VAL B 26 11.14 -14.76 -33.60
CA VAL B 26 10.76 -15.77 -32.63
C VAL B 26 11.96 -16.13 -31.76
N LEU B 27 13.16 -16.22 -32.34
CA LEU B 27 14.36 -16.52 -31.58
C LEU B 27 14.69 -15.37 -30.64
N ASN B 28 14.52 -14.12 -31.10
CA ASN B 28 14.77 -12.96 -30.23
C ASN B 28 13.79 -12.94 -29.06
N GLY B 29 12.53 -13.23 -29.33
CA GLY B 29 11.50 -13.30 -28.31
C GLY B 29 11.78 -14.39 -27.30
N ALA B 30 12.23 -15.54 -27.79
CA ALA B 30 12.57 -16.69 -26.94
C ALA B 30 13.72 -16.35 -25.99
N VAL B 31 14.83 -15.74 -26.49
CA VAL B 31 15.94 -15.43 -25.62
C VAL B 31 15.60 -14.31 -24.61
N LEU B 32 14.66 -13.40 -24.94
CA LEU B 32 14.25 -12.36 -24.00
C LEU B 32 13.38 -12.93 -22.86
N GLY B 33 12.63 -13.98 -23.16
CA GLY B 33 11.82 -14.69 -22.18
C GLY B 33 12.72 -15.46 -21.25
N LEU B 34 13.78 -16.08 -21.78
CA LEU B 34 14.77 -16.78 -20.98
C LEU B 34 15.47 -15.82 -20.03
N LEU B 35 15.75 -14.60 -20.50
CA LEU B 35 16.40 -13.55 -19.70
C LEU B 35 15.56 -13.02 -18.55
N THR B 36 14.26 -13.35 -18.47
CA THR B 36 13.43 -12.99 -17.31
C THR B 36 13.84 -13.84 -16.05
N ASP B 37 14.59 -14.95 -16.27
CA ASP B 37 15.09 -15.90 -15.30
C ASP B 37 16.20 -15.30 -14.44
N THR B 38 15.93 -15.23 -13.15
CA THR B 38 16.81 -14.69 -12.14
C THR B 38 17.96 -15.68 -11.80
N THR B 39 17.63 -16.99 -11.80
CA THR B 39 18.55 -18.08 -11.48
C THR B 39 19.68 -18.32 -12.50
N LEU B 40 19.59 -17.75 -13.72
CA LEU B 40 20.61 -17.95 -14.75
C LEU B 40 21.96 -17.38 -14.39
N SER B 41 23.02 -18.10 -14.74
CA SER B 41 24.38 -17.66 -14.47
C SER B 41 24.73 -16.43 -15.32
N ALA B 42 25.77 -15.68 -14.90
CA ALA B 42 26.26 -14.53 -15.65
C ALA B 42 26.79 -14.97 -17.04
N SER B 43 27.34 -16.20 -17.12
CA SER B 43 27.89 -16.81 -18.33
C SER B 43 26.77 -17.12 -19.33
N SER B 44 25.64 -17.67 -18.82
CA SER B 44 24.47 -17.98 -19.66
C SER B 44 23.78 -16.67 -20.11
N GLN B 45 23.73 -15.68 -19.21
CA GLN B 45 23.16 -14.35 -19.42
C GLN B 45 23.91 -13.60 -20.52
N ASN B 46 25.25 -13.70 -20.56
CA ASN B 46 26.03 -13.03 -21.61
C ASN B 46 25.78 -13.73 -22.95
N LEU B 47 25.75 -15.06 -22.96
CA LEU B 47 25.51 -15.89 -24.14
C LEU B 47 24.15 -15.54 -24.75
N LEU B 48 23.12 -15.39 -23.90
CA LEU B 48 21.76 -15.04 -24.33
C LEU B 48 21.73 -13.61 -24.84
N GLU B 49 22.40 -12.67 -24.14
CA GLU B 49 22.43 -11.29 -24.59
C GLU B 49 23.14 -11.12 -25.93
N ARG B 50 24.10 -12.01 -26.22
CA ARG B 50 24.78 -12.00 -27.50
C ARG B 50 23.84 -12.50 -28.61
N VAL B 51 22.90 -13.41 -28.29
CA VAL B 51 21.92 -13.85 -29.27
C VAL B 51 21.00 -12.66 -29.62
N ASP B 52 20.73 -11.74 -28.66
CA ASP B 52 19.93 -10.52 -28.87
C ASP B 52 20.62 -9.61 -29.88
N GLN B 53 21.96 -9.42 -29.72
CA GLN B 53 22.77 -8.62 -30.65
C GLN B 53 22.81 -9.27 -32.02
N LEU B 54 22.90 -10.62 -32.06
CA LEU B 54 22.92 -11.38 -33.30
C LEU B 54 21.60 -11.23 -34.06
N CYS B 55 20.49 -11.22 -33.31
CA CYS B 55 19.15 -11.06 -33.87
C CYS B 55 18.97 -9.65 -34.41
N LEU B 56 19.29 -8.64 -33.59
CA LEU B 56 19.16 -7.24 -33.96
C LEU B 56 19.99 -6.85 -35.19
N THR B 57 21.22 -7.36 -35.29
CA THR B 57 22.07 -7.06 -36.45
C THR B 57 21.48 -7.64 -37.74
N ILE B 58 20.79 -8.80 -37.64
CA ILE B 58 20.13 -9.40 -38.80
C ILE B 58 19.02 -8.45 -39.27
N PHE B 59 18.24 -7.89 -38.33
CA PHE B 59 17.18 -6.94 -38.63
C PHE B 59 17.71 -5.70 -39.32
N ILE B 60 18.84 -5.15 -38.86
CA ILE B 60 19.45 -3.95 -39.48
C ILE B 60 19.84 -4.24 -40.94
N VAL B 61 20.44 -5.42 -41.17
CA VAL B 61 20.87 -5.87 -42.48
C VAL B 61 19.68 -5.97 -43.42
N GLU B 62 18.59 -6.59 -42.94
CA GLU B 62 17.40 -6.80 -43.76
C GLU B 62 16.51 -5.56 -43.87
N ILE B 63 16.66 -4.56 -42.98
CA ILE B 63 15.90 -3.33 -43.08
C ILE B 63 16.60 -2.44 -44.10
N SER B 64 17.93 -2.32 -44.03
CA SER B 64 18.70 -1.56 -45.02
C SER B 64 18.72 -2.23 -46.41
N LEU B 65 18.38 -3.53 -46.47
CA LEU B 65 18.24 -4.27 -47.73
C LEU B 65 16.97 -3.75 -48.45
N LYS B 66 15.88 -3.54 -47.68
CA LYS B 66 14.59 -3.00 -48.14
C LYS B 66 14.74 -1.51 -48.51
N ILE B 67 15.61 -0.77 -47.80
CA ILE B 67 15.85 0.63 -48.11
C ILE B 67 16.51 0.73 -49.50
N TYR B 68 17.37 -0.24 -49.88
CA TYR B 68 17.99 -0.21 -51.21
C TYR B 68 17.11 -0.85 -52.27
N ALA B 69 16.40 -1.94 -51.96
CA ALA B 69 15.54 -2.61 -52.95
C ALA B 69 14.32 -1.79 -53.36
N TYR B 70 13.88 -0.86 -52.51
CA TYR B 70 12.71 -0.05 -52.80
C TYR B 70 13.02 1.44 -52.91
N GLY B 71 14.02 1.91 -52.16
CA GLY B 71 14.35 3.32 -52.08
C GLY B 71 13.79 3.91 -50.79
N VAL B 72 14.37 5.02 -50.31
CA VAL B 72 13.90 5.66 -49.08
C VAL B 72 12.45 6.12 -49.21
N ARG B 73 12.10 6.66 -50.39
CA ARG B 73 10.74 7.12 -50.66
C ARG B 73 9.78 5.93 -50.64
N GLY B 74 10.13 4.87 -51.36
CA GLY B 74 9.33 3.65 -51.44
C GLY B 74 9.10 2.97 -50.10
N PHE B 75 10.19 2.81 -49.33
CA PHE B 75 10.16 2.19 -48.01
C PHE B 75 9.28 3.00 -47.06
N PHE B 76 9.53 4.32 -46.93
CA PHE B 76 8.75 5.15 -46.00
C PHE B 76 7.34 5.51 -46.49
N ARG B 77 6.92 4.97 -47.67
CA ARG B 77 5.54 5.13 -48.16
C ARG B 77 4.57 4.15 -47.44
N SER B 78 5.09 3.18 -46.66
CA SER B 78 4.33 2.20 -45.89
C SER B 78 4.56 2.49 -44.41
N GLY B 79 3.48 2.46 -43.63
CA GLY B 79 3.53 2.69 -42.20
C GLY B 79 4.05 1.50 -41.42
N TRP B 80 3.95 0.30 -42.00
CA TRP B 80 4.44 -0.92 -41.39
C TRP B 80 5.97 -0.93 -41.40
N ASN B 81 6.57 -0.42 -42.50
CA ASN B 81 8.02 -0.28 -42.72
C ASN B 81 8.59 0.78 -41.79
N LEU B 82 7.87 1.90 -41.62
CA LEU B 82 8.27 2.98 -40.72
C LEU B 82 8.29 2.43 -39.29
N PHE B 83 7.25 1.66 -38.91
CA PHE B 83 7.15 1.02 -37.60
C PHE B 83 8.33 0.07 -37.39
N ASP B 84 8.62 -0.81 -38.37
CA ASP B 84 9.75 -1.75 -38.32
C ASP B 84 11.06 -1.00 -38.13
N PHE B 85 11.21 0.14 -38.83
CA PHE B 85 12.40 0.99 -38.74
C PHE B 85 12.49 1.55 -37.34
N VAL B 86 11.45 2.20 -36.82
CA VAL B 86 11.45 2.77 -35.48
C VAL B 86 11.79 1.72 -34.41
N ILE B 87 11.24 0.49 -34.52
CA ILE B 87 11.52 -0.62 -33.58
C ILE B 87 13.02 -0.96 -33.52
N VAL B 88 13.65 -1.16 -34.68
CA VAL B 88 15.06 -1.54 -34.78
C VAL B 88 16.00 -0.35 -34.51
N ALA B 89 15.70 0.84 -35.06
CA ALA B 89 16.52 2.03 -34.85
C ALA B 89 16.47 2.50 -33.41
N ILE B 90 15.36 2.27 -32.69
CA ILE B 90 15.25 2.64 -31.29
C ILE B 90 16.14 1.75 -30.40
N ALA B 91 16.43 0.51 -30.83
CA ALA B 91 17.29 -0.39 -30.07
C ALA B 91 18.72 0.17 -30.02
N LEU B 92 19.19 0.76 -31.12
CA LEU B 92 20.52 1.36 -31.15
C LEU B 92 20.44 2.87 -30.92
N MET B 93 19.88 3.27 -29.77
CA MET B 93 19.74 4.69 -29.44
C MET B 93 20.81 5.21 -28.45
N PRO B 94 21.00 4.64 -27.23
CA PRO B 94 22.05 5.18 -26.35
C PRO B 94 23.44 4.71 -26.77
N ARG B 103 16.47 -0.98 -21.59
CA ARG B 103 15.02 -0.83 -21.50
C ARG B 103 14.35 -2.20 -21.39
N THR B 104 13.43 -2.38 -20.43
CA THR B 104 12.70 -3.66 -20.31
C THR B 104 11.72 -3.87 -21.51
N PHE B 105 11.59 -2.86 -22.39
CA PHE B 105 10.66 -2.88 -23.53
C PHE B 105 11.21 -3.55 -24.78
N ARG B 106 12.39 -4.22 -24.70
CA ARG B 106 13.01 -4.99 -25.78
C ARG B 106 12.05 -6.05 -26.34
N ILE B 107 11.16 -6.57 -25.50
CA ILE B 107 10.18 -7.58 -25.88
C ILE B 107 9.19 -7.04 -26.93
N PHE B 108 9.00 -5.71 -27.02
CA PHE B 108 8.12 -5.12 -28.02
C PHE B 108 8.54 -5.43 -29.44
N ARG B 109 9.83 -5.80 -29.67
CA ARG B 109 10.30 -6.21 -31.00
C ARG B 109 9.55 -7.47 -31.50
N VAL B 110 8.98 -8.29 -30.59
CA VAL B 110 8.19 -9.44 -30.99
C VAL B 110 6.93 -8.98 -31.78
N MET B 111 6.53 -7.69 -31.64
CA MET B 111 5.44 -7.11 -32.43
C MET B 111 5.77 -7.08 -33.92
N ARG B 112 7.07 -7.17 -34.31
CA ARG B 112 7.47 -7.25 -35.71
C ARG B 112 6.82 -8.46 -36.41
N LEU B 113 6.30 -9.46 -35.64
CA LEU B 113 5.57 -10.60 -36.18
C LEU B 113 4.31 -10.12 -36.85
N VAL B 114 3.65 -9.10 -36.29
CA VAL B 114 2.43 -8.51 -36.84
C VAL B 114 2.70 -7.95 -38.22
N SER B 115 3.82 -7.21 -38.40
CA SER B 115 4.11 -6.61 -39.70
C SER B 115 4.82 -7.52 -40.69
N VAL B 116 5.52 -8.54 -40.19
CA VAL B 116 6.25 -9.45 -41.09
C VAL B 116 5.29 -10.52 -41.68
N ILE B 117 4.29 -10.95 -40.90
CA ILE B 117 3.34 -11.94 -41.38
C ILE B 117 2.14 -11.25 -42.03
N PRO B 118 1.90 -11.46 -43.34
CA PRO B 118 0.81 -10.75 -44.04
C PRO B 118 -0.59 -11.03 -43.51
N THR B 119 -0.87 -12.26 -43.06
CA THR B 119 -2.18 -12.60 -42.51
C THR B 119 -2.44 -11.80 -41.23
N MET B 120 -1.40 -11.60 -40.42
CA MET B 120 -1.52 -10.84 -39.19
C MET B 120 -1.54 -9.34 -39.44
N ARG B 121 -0.80 -8.90 -40.46
CA ARG B 121 -0.73 -7.51 -40.85
C ARG B 121 -2.11 -7.01 -41.26
N ARG B 122 -2.86 -7.81 -42.07
CA ARG B 122 -4.20 -7.50 -42.55
C ARG B 122 -5.16 -7.33 -41.39
N VAL B 123 -5.07 -8.21 -40.40
CA VAL B 123 -5.92 -8.22 -39.22
C VAL B 123 -5.75 -6.95 -38.40
N VAL B 124 -4.51 -6.63 -37.99
CA VAL B 124 -4.28 -5.43 -37.20
C VAL B 124 -4.57 -4.16 -38.02
N GLN B 125 -4.28 -4.18 -39.33
CA GLN B 125 -4.56 -3.04 -40.23
C GLN B 125 -6.04 -2.72 -40.26
N GLY B 126 -6.89 -3.75 -40.35
CA GLY B 126 -8.33 -3.61 -40.33
C GLY B 126 -8.81 -3.01 -39.03
N MET B 127 -8.27 -3.50 -37.89
CA MET B 127 -8.60 -2.98 -36.56
C MET B 127 -8.19 -1.51 -36.42
N LEU B 128 -7.05 -1.10 -37.01
CA LEU B 128 -6.60 0.28 -36.92
C LEU B 128 -7.51 1.18 -37.75
N LEU B 129 -7.82 0.73 -38.97
CA LEU B 129 -8.70 1.43 -39.88
C LEU B 129 -10.14 1.55 -39.36
N ALA B 130 -10.57 0.64 -38.46
CA ALA B 130 -11.89 0.66 -37.83
C ALA B 130 -11.98 1.63 -36.63
N LEU B 131 -10.84 2.16 -36.14
CA LEU B 131 -10.82 3.06 -34.98
C LEU B 131 -11.41 4.45 -35.25
N PRO B 132 -11.04 5.18 -36.32
CA PRO B 132 -11.65 6.51 -36.54
C PRO B 132 -13.19 6.52 -36.53
N GLY B 133 -13.76 5.43 -37.04
CA GLY B 133 -15.21 5.25 -37.10
C GLY B 133 -15.87 5.17 -35.75
N VAL B 134 -15.17 4.62 -34.73
CA VAL B 134 -15.72 4.51 -33.36
C VAL B 134 -15.31 5.67 -32.43
N GLY B 135 -14.62 6.67 -32.95
CA GLY B 135 -14.16 7.83 -32.19
C GLY B 135 -15.20 8.55 -31.35
N SER B 136 -16.44 8.68 -31.85
CA SER B 136 -17.51 9.33 -31.08
C SER B 136 -17.90 8.49 -29.88
N VAL B 137 -17.93 7.16 -30.04
CA VAL B 137 -18.30 6.29 -28.94
C VAL B 137 -17.21 6.32 -27.87
N ALA B 138 -15.92 6.31 -28.28
CA ALA B 138 -14.82 6.41 -27.32
C ALA B 138 -14.86 7.74 -26.57
N ALA B 139 -15.14 8.84 -27.29
CA ALA B 139 -15.23 10.14 -26.65
C ALA B 139 -16.42 10.17 -25.70
N LEU B 140 -17.56 9.56 -26.09
CA LEU B 140 -18.73 9.51 -25.22
C LEU B 140 -18.41 8.82 -23.89
N LEU B 141 -17.73 7.67 -23.94
CA LEU B 141 -17.34 6.95 -22.73
C LEU B 141 -16.39 7.79 -21.89
N THR B 142 -15.49 8.55 -22.52
CA THR B 142 -14.56 9.46 -21.83
C THR B 142 -15.36 10.53 -21.05
N VAL B 143 -16.37 11.13 -21.71
CA VAL B 143 -17.25 12.14 -21.13
C VAL B 143 -18.02 11.52 -19.95
N VAL B 144 -18.59 10.33 -20.14
CA VAL B 144 -19.32 9.66 -19.07
C VAL B 144 -18.41 9.38 -17.87
N PHE B 145 -17.18 8.92 -18.13
CA PHE B 145 -16.20 8.65 -17.09
C PHE B 145 -15.82 9.92 -16.37
N TYR B 146 -15.55 11.01 -17.09
CA TYR B 146 -15.14 12.26 -16.46
C TYR B 146 -16.23 12.83 -15.55
N ILE B 147 -17.48 12.91 -16.03
CA ILE B 147 -18.62 13.37 -15.23
C ILE B 147 -18.80 12.47 -13.99
N ALA B 148 -18.73 11.15 -14.17
CA ALA B 148 -18.87 10.23 -13.05
C ALA B 148 -17.72 10.35 -12.02
N ALA B 149 -16.46 10.60 -12.46
CA ALA B 149 -15.29 10.70 -11.57
C ALA B 149 -15.35 11.96 -10.74
N VAL B 150 -15.77 13.09 -11.34
CA VAL B 150 -15.96 14.33 -10.60
C VAL B 150 -17.09 14.11 -9.57
N MET B 151 -18.23 13.55 -10.02
CA MET B 151 -19.35 13.27 -9.13
C MET B 151 -18.98 12.39 -7.94
N ALA B 152 -18.35 11.23 -8.19
CA ALA B 152 -17.98 10.28 -7.16
C ALA B 152 -17.00 10.88 -6.21
N THR B 153 -16.07 11.71 -6.72
CA THR B 153 -15.09 12.34 -5.84
C THR B 153 -15.78 13.25 -4.83
N ASN B 154 -16.66 14.13 -5.30
CA ASN B 154 -17.40 15.05 -4.42
C ASN B 154 -18.30 14.29 -3.44
N LEU B 155 -18.96 13.22 -3.91
CA LEU B 155 -19.89 12.48 -3.07
C LEU B 155 -19.25 11.62 -2.00
N TYR B 156 -18.29 10.77 -2.39
CA TYR B 156 -17.71 9.72 -1.54
C TYR B 156 -16.23 9.87 -1.21
N GLY B 157 -15.60 10.95 -1.64
CA GLY B 157 -14.19 11.14 -1.42
C GLY B 157 -13.75 11.34 0.03
N ALA B 158 -14.54 12.03 0.85
CA ALA B 158 -14.16 12.31 2.24
C ALA B 158 -14.40 11.14 3.20
N THR B 159 -15.37 10.28 2.85
CA THR B 159 -15.76 9.09 3.61
C THR B 159 -15.04 7.84 3.08
N PHE B 160 -14.72 7.82 1.76
CA PHE B 160 -14.03 6.70 1.13
C PHE B 160 -12.77 7.14 0.35
N PRO B 161 -11.78 7.80 1.04
CA PRO B 161 -10.57 8.29 0.35
C PRO B 161 -9.72 7.27 -0.40
N GLU B 162 -9.69 5.95 0.00
CA GLU B 162 -8.86 5.01 -0.76
C GLU B 162 -9.36 4.86 -2.18
N TRP B 163 -10.68 4.97 -2.40
CA TRP B 163 -11.28 4.71 -3.69
C TRP B 163 -11.71 5.93 -4.43
N PHE B 164 -12.15 6.96 -3.72
CA PHE B 164 -12.63 8.18 -4.37
C PHE B 164 -11.97 9.45 -3.78
N GLY B 165 -10.81 9.32 -3.15
CA GLY B 165 -10.11 10.42 -2.51
C GLY B 165 -9.86 11.57 -3.45
N ASP B 166 -9.47 11.25 -4.69
CA ASP B 166 -9.23 12.26 -5.73
C ASP B 166 -9.76 11.80 -7.10
N LEU B 167 -9.60 12.64 -8.14
CA LEU B 167 -10.07 12.33 -9.48
C LEU B 167 -9.44 11.07 -10.09
N SER B 168 -8.16 10.88 -9.83
CA SER B 168 -7.44 9.71 -10.32
C SER B 168 -7.96 8.46 -9.61
N LYS B 169 -8.12 8.52 -8.27
CA LYS B 169 -8.62 7.38 -7.51
C LYS B 169 -10.00 6.98 -8.01
N SER B 170 -10.86 8.00 -8.30
CA SER B 170 -12.21 7.82 -8.82
C SER B 170 -12.26 7.23 -10.21
N LEU B 171 -11.38 7.71 -11.11
CA LEU B 171 -11.26 7.20 -12.48
C LEU B 171 -10.87 5.72 -12.43
N TYR B 172 -9.90 5.35 -11.58
CA TYR B 172 -9.51 3.95 -11.45
C TYR B 172 -10.66 3.09 -10.86
N THR B 173 -11.31 3.55 -9.78
CA THR B 173 -12.40 2.78 -9.17
C THR B 173 -13.58 2.63 -10.10
N LEU B 174 -13.91 3.68 -10.85
CA LEU B 174 -15.02 3.59 -11.79
C LEU B 174 -14.72 2.68 -12.96
N PHE B 175 -13.44 2.58 -13.36
CA PHE B 175 -13.03 1.63 -14.37
C PHE B 175 -13.27 0.22 -13.84
N GLN B 176 -12.90 -0.06 -12.58
CA GLN B 176 -13.10 -1.35 -11.92
C GLN B 176 -14.61 -1.68 -11.80
N VAL B 177 -15.45 -0.66 -11.55
CA VAL B 177 -16.90 -0.85 -11.44
C VAL B 177 -17.47 -1.24 -12.80
N MET B 178 -17.01 -0.58 -13.87
CA MET B 178 -17.42 -0.86 -15.24
C MET B 178 -17.05 -2.30 -15.63
N THR B 179 -15.85 -2.77 -15.24
CA THR B 179 -15.48 -4.15 -15.54
C THR B 179 -16.23 -5.12 -14.59
N LEU B 180 -17.17 -4.64 -13.76
CA LEU B 180 -17.96 -5.40 -12.80
C LEU B 180 -17.11 -6.11 -11.72
N GLU B 181 -15.83 -5.75 -11.58
CA GLU B 181 -14.94 -6.43 -10.66
C GLU B 181 -15.16 -6.04 -9.21
N SER B 182 -15.66 -6.99 -8.37
CA SER B 182 -15.95 -6.74 -6.93
C SER B 182 -16.76 -5.47 -6.72
N TRP B 183 -17.52 -5.03 -7.72
CA TRP B 183 -18.21 -3.77 -7.67
C TRP B 183 -19.14 -3.67 -6.49
N SER B 184 -19.88 -4.74 -6.17
CA SER B 184 -20.86 -4.71 -5.11
C SER B 184 -20.33 -5.16 -3.80
N MET B 185 -19.78 -6.37 -3.68
CA MET B 185 -19.31 -6.85 -2.39
C MET B 185 -18.10 -6.05 -1.88
N GLY B 186 -17.27 -5.55 -2.80
CA GLY B 186 -16.07 -4.80 -2.47
C GLY B 186 -16.14 -3.29 -2.47
N ILE B 187 -17.03 -2.67 -3.23
CA ILE B 187 -17.11 -1.19 -3.31
C ILE B 187 -18.49 -0.64 -2.90
N VAL B 188 -19.57 -0.98 -3.63
CA VAL B 188 -20.87 -0.39 -3.39
C VAL B 188 -21.53 -0.84 -2.09
N ARG B 189 -21.46 -2.12 -1.65
CA ARG B 189 -22.09 -2.47 -0.36
C ARG B 189 -21.40 -1.68 0.82
N PRO B 190 -20.04 -1.68 0.93
CA PRO B 190 -19.38 -0.81 1.94
C PRO B 190 -19.77 0.68 1.81
N VAL B 191 -19.83 1.22 0.56
CA VAL B 191 -20.20 2.62 0.39
C VAL B 191 -21.65 2.86 0.85
N MET B 192 -22.58 1.92 0.57
CA MET B 192 -23.99 2.05 0.97
C MET B 192 -24.16 2.11 2.45
N ASN B 193 -23.25 1.49 3.25
CA ASN B 193 -23.37 1.55 4.70
C ASN B 193 -23.32 3.01 5.20
N VAL B 194 -22.45 3.83 4.61
CA VAL B 194 -22.39 5.24 4.95
C VAL B 194 -23.42 6.08 4.17
N HIS B 195 -23.49 5.91 2.84
CA HIS B 195 -24.38 6.64 1.92
C HIS B 195 -25.45 5.66 1.38
N PRO B 196 -26.62 5.53 2.06
CA PRO B 196 -27.60 4.50 1.68
C PRO B 196 -28.17 4.49 0.26
N ASN B 197 -28.18 5.64 -0.40
CA ASN B 197 -28.71 5.71 -1.75
C ASN B 197 -27.62 5.64 -2.83
N ALA B 198 -26.38 5.20 -2.48
CA ALA B 198 -25.30 5.16 -3.45
C ALA B 198 -25.63 4.35 -4.70
N TRP B 199 -26.50 3.35 -4.59
CA TRP B 199 -26.90 2.50 -5.70
C TRP B 199 -27.53 3.29 -6.86
N VAL B 200 -28.11 4.46 -6.55
CA VAL B 200 -28.70 5.37 -7.55
C VAL B 200 -27.60 5.92 -8.49
N PHE B 201 -26.35 5.99 -8.01
CA PHE B 201 -25.25 6.47 -8.79
C PHE B 201 -24.62 5.29 -9.54
N PHE B 202 -24.25 4.23 -8.80
CA PHE B 202 -23.51 3.13 -9.37
C PHE B 202 -24.26 2.24 -10.35
N ILE B 203 -25.51 1.86 -10.08
CA ILE B 203 -26.27 0.99 -10.99
C ILE B 203 -26.49 1.68 -12.38
N PRO B 204 -26.96 2.95 -12.44
CA PRO B 204 -27.01 3.64 -13.75
C PRO B 204 -25.62 3.79 -14.39
N PHE B 205 -24.54 4.03 -13.61
CA PHE B 205 -23.19 4.07 -14.18
C PHE B 205 -22.83 2.72 -14.86
N ILE B 206 -23.07 1.59 -14.17
CA ILE B 206 -22.79 0.27 -14.75
C ILE B 206 -23.61 0.08 -16.04
N MET B 207 -24.95 0.30 -15.98
N MET B 207 -24.95 0.27 -15.99
CA MET B 207 -25.85 0.12 -17.12
CA MET B 207 -25.80 0.05 -17.15
C MET B 207 -25.38 0.90 -18.32
C MET B 207 -25.36 0.90 -18.34
N LEU B 208 -25.12 2.19 -18.12
CA LEU B 208 -24.64 3.10 -19.16
C LEU B 208 -23.25 2.75 -19.71
N THR B 209 -22.22 2.54 -18.87
CA THR B 209 -20.85 2.25 -19.33
C THR B 209 -20.68 0.90 -19.99
N THR B 210 -21.28 -0.16 -19.47
CA THR B 210 -21.17 -1.49 -20.11
C THR B 210 -21.87 -1.47 -21.47
N LEU B 211 -23.03 -0.79 -21.60
CA LEU B 211 -23.68 -0.68 -22.90
C LEU B 211 -22.77 0.07 -23.89
N THR B 212 -22.21 1.18 -23.44
CA THR B 212 -21.41 2.07 -24.27
C THR B 212 -20.06 1.40 -24.64
N VAL B 213 -19.46 0.63 -23.74
CA VAL B 213 -18.20 -0.04 -24.03
C VAL B 213 -18.46 -1.24 -24.95
N LEU B 214 -19.61 -1.95 -24.78
CA LEU B 214 -19.99 -3.03 -25.68
C LEU B 214 -20.18 -2.49 -27.07
N ASN B 215 -20.84 -1.34 -27.19
CA ASN B 215 -21.07 -0.65 -28.44
C ASN B 215 -19.73 -0.29 -29.10
N LEU B 216 -18.77 0.25 -28.34
CA LEU B 216 -17.44 0.54 -28.85
C LEU B 216 -16.77 -0.78 -29.39
N PHE B 217 -16.85 -1.92 -28.63
CA PHE B 217 -16.21 -3.16 -29.06
C PHE B 217 -16.89 -3.79 -30.29
N ILE B 218 -18.22 -3.89 -30.30
CA ILE B 218 -18.97 -4.43 -31.43
C ILE B 218 -18.73 -3.53 -32.67
N GLY B 219 -18.73 -2.23 -32.49
CA GLY B 219 -18.45 -1.30 -33.57
C GLY B 219 -17.10 -1.54 -34.24
N ILE B 220 -16.04 -1.79 -33.44
CA ILE B 220 -14.71 -2.08 -33.98
C ILE B 220 -14.68 -3.43 -34.62
N ILE B 221 -15.24 -4.47 -33.97
CA ILE B 221 -15.22 -5.84 -34.49
C ILE B 221 -15.97 -5.97 -35.82
N VAL B 222 -17.15 -5.36 -35.92
CA VAL B 222 -17.93 -5.38 -37.16
C VAL B 222 -17.21 -4.63 -38.27
N ASP B 223 -16.75 -3.40 -38.02
CA ASP B 223 -16.03 -2.63 -39.05
C ASP B 223 -14.69 -3.23 -39.46
N ALA B 224 -13.92 -3.80 -38.52
CA ALA B 224 -12.62 -4.38 -38.87
C ALA B 224 -12.80 -5.54 -39.82
N MET B 225 -13.84 -6.35 -39.58
CA MET B 225 -14.19 -7.50 -40.39
C MET B 225 -14.55 -7.09 -41.81
N ALA B 226 -15.37 -6.04 -41.96
CA ALA B 226 -15.77 -5.58 -43.26
C ALA B 226 -14.61 -4.90 -43.98
N ILE B 227 -13.82 -4.08 -43.28
CA ILE B 227 -12.67 -3.42 -43.91
C ILE B 227 -11.69 -4.45 -44.46
N THR B 228 -11.37 -5.48 -43.67
CA THR B 228 -10.47 -6.56 -44.09
C THR B 228 -11.02 -7.33 -45.31
N LYS B 229 -12.29 -7.73 -45.27
CA LYS B 229 -12.92 -8.44 -46.37
C LYS B 229 -12.88 -7.64 -47.64
N GLU B 230 -13.13 -6.33 -47.56
CA GLU B 230 -13.16 -5.49 -48.74
C GLU B 230 -11.78 -5.22 -49.29
N GLN B 231 -10.79 -5.06 -48.40
CA GLN B 231 -9.41 -4.87 -48.80
C GLN B 231 -8.86 -6.11 -49.52
N GLU B 232 -9.25 -7.30 -49.07
CA GLU B 232 -8.88 -8.56 -49.70
C GLU B 232 -9.47 -8.63 -51.11
N GLU B 233 -10.71 -8.17 -51.29
CA GLU B 233 -11.33 -8.19 -52.61
C GLU B 233 -10.69 -7.15 -53.54
N GLU B 234 -10.27 -6.00 -53.00
CA GLU B 234 -9.60 -4.98 -53.80
C GLU B 234 -8.25 -5.49 -54.29
N ALA B 235 -7.53 -6.23 -53.42
CA ALA B 235 -6.23 -6.78 -53.75
C ALA B 235 -6.33 -7.74 -54.93
N LYS B 236 -7.24 -8.74 -54.90
CA LYS B 236 -7.34 -9.68 -56.02
C LYS B 236 -7.89 -9.04 -57.29
N THR B 237 -9.04 -8.34 -57.20
CA THR B 237 -9.64 -7.72 -58.38
C THR B 237 -8.79 -6.60 -59.01
N GLY B 238 -8.16 -5.81 -58.15
CA GLY B 238 -7.38 -4.66 -58.56
C GLY B 238 -8.19 -3.37 -58.59
N HIS B 239 -9.54 -3.46 -58.49
CA HIS B 239 -10.39 -2.28 -58.54
C HIS B 239 -11.07 -1.96 -57.19
N HIS B 240 -11.62 -0.72 -57.09
CA HIS B 240 -12.29 -0.22 -55.90
C HIS B 240 -13.50 -1.07 -55.52
N GLN B 241 -13.63 -1.33 -54.22
CA GLN B 241 -14.71 -2.11 -53.68
C GLN B 241 -15.63 -1.16 -52.95
N GLU B 242 -16.88 -1.07 -53.41
CA GLU B 242 -17.92 -0.27 -52.76
C GLU B 242 -18.20 -0.88 -51.40
N PRO B 243 -18.08 -0.10 -50.32
CA PRO B 243 -18.30 -0.64 -48.98
C PRO B 243 -19.70 -1.24 -48.77
N ILE B 244 -19.80 -2.39 -48.10
CA ILE B 244 -21.06 -3.11 -47.88
C ILE B 244 -22.26 -2.23 -47.43
N SER B 245 -22.05 -1.29 -46.51
CA SER B 245 -23.11 -0.40 -46.04
C SER B 245 -23.65 0.45 -47.20
N GLN B 246 -22.76 0.91 -48.07
CA GLN B 246 -23.15 1.68 -49.24
C GLN B 246 -24.00 0.87 -50.20
N THR B 247 -23.65 -0.41 -50.37
CA THR B 247 -24.36 -1.38 -51.19
C THR B 247 -25.76 -1.63 -50.64
N LEU B 248 -25.86 -1.85 -49.31
CA LEU B 248 -27.09 -2.12 -48.59
C LEU B 248 -28.04 -0.93 -48.61
N LEU B 249 -27.53 0.29 -48.30
CA LEU B 249 -28.30 1.53 -48.34
C LEU B 249 -28.94 1.74 -49.72
N HIS B 250 -28.19 1.47 -50.79
CA HIS B 250 -28.69 1.66 -52.15
C HIS B 250 -29.31 0.42 -52.77
N LEU B 251 -29.43 -0.69 -52.04
CA LEU B 251 -29.98 -1.93 -52.61
C LEU B 251 -31.43 -1.78 -53.11
N GLY B 252 -32.31 -1.22 -52.29
CA GLY B 252 -33.72 -1.08 -52.64
C GLY B 252 -33.99 -0.18 -53.83
N ASP B 253 -33.26 0.93 -53.90
CA ASP B 253 -33.46 1.90 -54.97
C ASP B 253 -32.86 1.44 -56.27
N ARG B 254 -31.74 0.70 -56.22
CA ARG B 254 -31.16 0.10 -57.42
C ARG B 254 -32.16 -0.92 -58.00
N LEU B 255 -32.82 -1.69 -57.10
CA LEU B 255 -33.79 -2.72 -57.42
C LEU B 255 -35.05 -2.20 -58.07
N ASP B 256 -35.61 -1.10 -57.57
CA ASP B 256 -36.84 -0.58 -58.18
C ASP B 256 -36.53 0.27 -59.43
N ARG B 257 -35.26 0.67 -59.66
CA ARG B 257 -34.84 1.34 -60.89
C ARG B 257 -34.93 0.29 -62.02
N ILE B 258 -34.41 -0.94 -61.76
CA ILE B 258 -34.45 -2.07 -62.68
C ILE B 258 -35.92 -2.47 -62.95
N GLU B 259 -36.76 -2.43 -61.93
CA GLU B 259 -38.19 -2.71 -62.01
C GLU B 259 -38.88 -1.72 -62.99
N LYS B 260 -38.62 -0.42 -62.82
CA LYS B 260 -39.21 0.62 -63.67
C LYS B 260 -38.70 0.52 -65.09
N GLN B 261 -37.41 0.22 -65.26
CA GLN B 261 -36.83 0.06 -66.58
C GLN B 261 -37.44 -1.15 -67.29
N LEU B 262 -37.78 -2.21 -66.55
CA LEU B 262 -38.40 -3.40 -67.12
C LEU B 262 -39.81 -3.10 -67.63
N ALA B 263 -40.59 -2.31 -66.87
CA ALA B 263 -41.95 -1.94 -67.26
C ALA B 263 -41.97 -0.94 -68.43
N GLN B 264 -40.92 -0.11 -68.54
CA GLN B 264 -40.76 0.86 -69.62
C GLN B 264 -40.48 0.09 -70.93
N ASN B 265 -39.60 -0.93 -70.87
CA ASN B 265 -39.27 -1.79 -72.00
C ASN B 265 -40.48 -2.70 -72.35
N ASN B 266 -41.31 -3.04 -71.36
CA ASN B 266 -42.52 -3.84 -71.51
C ASN B 266 -43.56 -3.03 -72.30
N GLU B 267 -43.66 -1.72 -72.05
CA GLU B 267 -44.59 -0.85 -72.77
C GLU B 267 -44.16 -0.65 -74.21
N LEU B 268 -42.85 -0.53 -74.45
CA LEU B 268 -42.29 -0.40 -75.80
C LEU B 268 -42.50 -1.68 -76.61
N LEU B 269 -42.51 -2.84 -75.94
CA LEU B 269 -42.75 -4.12 -76.58
C LEU B 269 -44.25 -4.34 -76.82
N GLN B 270 -45.10 -3.87 -75.89
CA GLN B 270 -46.55 -4.01 -75.97
C GLN B 270 -47.12 -3.35 -77.23
N ARG B 271 -46.62 -2.17 -77.60
CA ARG B 271 -47.11 -1.47 -78.79
C ARG B 271 -46.39 -1.88 -80.09
N GLN B 272 -45.34 -2.71 -80.00
CA GLN B 272 -44.57 -3.17 -81.15
C GLN B 272 -45.31 -4.21 -82.01
NA NA C . -5.76 -13.65 20.78
NA NA D . -6.50 -13.47 18.50
NA NA E . -8.29 -13.05 12.98
C9 2CV F . 2.77 -29.75 17.46
C12 2CV F . 2.33 -29.47 16.03
C15 2CV F . 3.09 -30.26 15.00
C18 2CV F . 2.82 -29.83 13.58
C21 2CV F . 3.27 -30.82 12.53
C24 2CV F . 3.06 -30.29 11.16
C27 2CV F . 3.50 -31.19 10.02
C30 2CV F . 2.81 -30.82 8.73
N33 2CV F . 3.53 -30.71 7.59
O34 2CV F . 1.61 -30.59 8.75
C35 2CV F . 4.98 -30.93 7.53
C36 2CV F . 2.86 -30.36 6.31
C37 2CV F . 2.63 -28.86 6.08
C40 2CV F . 1.21 -28.31 5.89
C41 2CV F . 0.16 -28.90 6.84
C42 2CV F . -1.23 -28.28 6.71
C43 2CV F . -2.20 -28.75 7.90
O44 2CV F . -3.32 -27.91 8.18
O47 2CV F . 3.47 -28.47 5.00
O49 2CV F . 0.79 -28.36 4.53
O51 2CV F . 0.61 -28.80 8.20
O53 2CV F . -1.78 -28.63 5.43
C60 2CV F . 5.34 -32.21 6.83
O63 2CV F . 5.71 -31.95 5.49
C1 2CV F . 1.95 -29.04 18.50
C0 2CV F . 2.47 -29.22 19.91
C27 12P G . 13.52 -19.43 16.64
C26 12P G . 13.22 -20.62 15.78
O25 12P G . 14.30 -21.55 15.81
C24 12P G . 14.03 -22.78 15.12
C23 12P G . 15.09 -23.06 14.08
O22 12P G . 14.65 -24.04 13.14
C21 12P G . 15.11 -23.84 11.80
C20 12P G . 13.95 -23.94 10.84
O19 12P G . 14.40 -24.29 9.53
C18 12P G . 13.36 -24.77 8.68
C17 12P G . 12.76 -23.62 7.91
O16 12P G . 11.50 -23.94 7.29
C15 12P G . 11.50 -23.73 5.88
C14 12P G . 11.05 -25.00 5.22
O13 12P G . 11.30 -24.99 3.82
C12 12P G . 10.85 -26.17 3.19
C9 2CV H . 1.11 -10.21 23.63
C12 2CV H . 1.29 -11.69 23.41
C15 2CV H . 0.01 -12.53 23.61
C18 2CV H . 0.23 -14.01 23.97
C21 2CV H . 0.18 -14.32 25.48
C24 2CV H . 1.21 -13.57 26.33
C1 2CV H . 2.27 -9.41 23.16
C0 2CV H . 2.18 -7.96 23.48
CA CTX I . -6.15 -8.17 51.80
CB CTX I . -6.99 -7.20 51.00
OL CTX I . -3.24 -0.94 47.73
CA1 CTX I . -3.32 -0.58 46.34
CB1 CTX I . -1.91 -0.43 45.81
C1 CTX I . -4.14 -1.86 48.22
C2 CTX I . -5.19 -2.47 47.55
C3 CTX I . -5.91 -3.47 48.16
C5 CTX I . -4.57 -3.24 50.12
C6 CTX I . -3.85 -2.23 49.51
C4 CTX I . -5.61 -3.87 49.45
C7 CTX I . -6.45 -4.87 50.17
C8 CTX I . -7.67 -4.28 50.82
C9 CTX I . -7.61 -3.80 52.12
C10 CTX I . -8.71 -3.19 52.69
C11 CTX I . -9.87 -3.04 51.97
C12 CTX I . -9.95 -3.51 50.68
C13 CTX I . -8.85 -4.14 50.10
C14 CTX I . -4.28 -8.69 48.17
C15 CTX I . -2.98 -8.39 48.48
C16 CTX I . -2.71 -7.30 49.25
C17 CTX I . -3.73 -6.50 49.74
C18 CTX I . -5.06 -6.82 49.46
C19 CTX I . -5.31 -7.90 48.63
C20 CTX I . -6.17 -6.20 50.23
NI CTX I . -1.10 -1.64 45.88
C21 CTX I . -0.51 -1.96 44.57
C22 CTX I . -0.05 -1.51 46.86
NA NA J . -17.60 -10.86 -15.77
NA NA K . -16.69 -11.07 -12.97
NA NA L . -15.71 -11.30 -9.95
C9 2CV M . -32.96 -3.27 -10.23
C12 2CV M . -32.68 -2.10 -9.33
C15 2CV M . -32.51 -2.44 -7.86
C18 2CV M . -32.34 -1.23 -6.96
C21 2CV M . -32.79 -1.51 -5.56
C24 2CV M . -32.49 -0.43 -4.58
C27 2CV M . -32.31 -1.01 -3.19
C30 2CV M . -32.18 0.04 -2.09
N33 2CV M . -31.58 -0.33 -0.94
O34 2CV M . -32.66 1.14 -2.25
C35 2CV M . -31.21 -1.71 -0.60
C36 2CV M . -31.14 0.72 -0.01
C37 2CV M . -32.12 1.15 1.09
C40 2CV M . -32.50 2.64 1.10
C41 2CV M . -33.73 2.93 1.97
C42 2CV M . -34.06 4.41 2.10
C43 2CV M . -35.00 4.93 1.04
O44 2CV M . -36.31 4.43 1.26
O47 2CV M . -31.59 0.80 2.37
O49 2CV M . -32.71 3.12 -0.22
O51 2CV M . -33.55 2.37 3.28
O53 2CV M . -32.89 5.25 2.16
C60 2CV M . -29.73 -1.94 -0.68
O63 2CV M . -29.37 -3.17 -0.08
C1 2CV M . -32.89 -2.90 -11.69
C0 2CV M . -33.26 -4.00 -12.66
C29 12P N . -22.80 9.09 -15.49
O28 12P N . -23.20 9.14 -14.12
C27 12P N . -24.27 8.25 -13.82
C26 12P N . -24.92 8.61 -12.52
O25 12P N . -26.02 9.50 -12.74
C24 12P N . -26.96 9.50 -11.66
C23 12P N . -26.50 10.42 -10.56
O22 12P N . -27.30 10.29 -9.39
C21 12P N . -26.62 10.69 -8.21
C20 12P N . -27.54 10.60 -7.04
O19 12P N . -26.87 10.91 -5.82
C18 12P N . -26.12 9.84 -5.28
C17 12P N . -26.57 9.56 -3.88
O16 12P N . -25.56 8.90 -3.11
C15 12P N . -24.95 9.77 -2.17
C14 12P N . -25.18 9.33 -0.76
O13 12P N . -26.52 8.89 -0.53
C12 12P N . -26.88 8.92 0.84
C9 2CV O . -15.20 -5.08 -20.12
C12 2CV O . -16.65 -4.70 -20.35
C15 2CV O . -17.58 -4.98 -19.19
C18 2CV O . -18.21 -6.40 -19.15
C21 2CV O . -19.71 -6.45 -19.60
C24 2CV O . -19.98 -6.10 -21.07
C1 2CV O . -14.27 -3.88 -19.89
C0 2CV O . -13.50 -3.39 -21.13
CA CTX P . -18.63 -18.38 -45.72
CB CTX P . -17.78 -19.20 -44.78
OL CTX P . -10.40 -16.15 -44.66
CA1 CTX P . -9.56 -16.11 -43.49
CB1 CTX P . -8.16 -15.68 -43.91
C1 CTX P . -11.73 -16.51 -44.51
C2 CTX P . -12.48 -16.50 -45.68
C3 CTX P . -13.82 -16.84 -45.63
C5 CTX P . -13.67 -17.19 -43.27
C6 CTX P . -12.32 -16.85 -43.31
C4 CTX P . -14.44 -17.19 -44.43
C7 CTX P . -15.88 -17.58 -44.39
C8 CTX P . -16.80 -16.53 -43.91
C9 CTX P . -17.71 -16.80 -42.89
C10 CTX P . -18.80 -15.98 -42.68
C11 CTX P . -18.99 -14.86 -43.45
C12 CTX P . -18.05 -14.53 -44.41
C13 CTX P . -16.96 -15.35 -44.63
C14 CTX P . -14.57 -21.37 -46.93
C15 CTX P . -13.78 -22.01 -46.01
C16 CTX P . -13.78 -21.61 -44.70
C17 CTX P . -14.57 -20.55 -44.30
C18 CTX P . -15.38 -19.88 -45.21
C19 CTX P . -15.37 -20.31 -46.55
C20 CTX P . -16.31 -18.79 -44.78
NI CTX P . -7.20 -15.31 -42.86
C21 CTX P . -6.88 -16.44 -41.99
C22 CTX P . -7.67 -14.18 -42.05
CA CTX Q . -21.44 -6.20 -42.59
CB CTX Q . -21.79 -7.67 -42.73
OL CTX Q . -15.77 -12.74 -41.37
CA1 CTX Q . -14.37 -12.40 -41.38
CB1 CTX Q . -13.56 -13.61 -40.98
C1 CTX Q . -16.67 -11.76 -41.70
C2 CTX Q . -18.00 -12.17 -41.73
C3 CTX Q . -18.97 -11.30 -42.19
C5 CTX Q . -17.33 -9.57 -42.42
C6 CTX Q . -16.35 -10.45 -42.01
C4 CTX Q . -18.66 -9.99 -42.54
C7 CTX Q . -19.70 -9.06 -43.03
C8 CTX Q . -19.50 -8.63 -44.44
C9 CTX Q . -18.84 -7.44 -44.75
C10 CTX Q . -18.50 -7.15 -46.06
C11 CTX Q . -18.81 -8.01 -47.07
C12 CTX Q . -19.48 -9.18 -46.79
C13 CTX Q . -19.83 -9.49 -45.49
C14 CTX Q . -21.99 -9.90 -38.93
C15 CTX Q . -20.92 -9.68 -38.09
C16 CTX Q . -19.78 -9.09 -38.59
C17 CTX Q . -19.71 -8.72 -39.93
C18 CTX Q . -20.79 -8.95 -40.79
C19 CTX Q . -21.93 -9.55 -40.26
C20 CTX Q . -20.70 -8.60 -42.24
NI CTX Q . -13.66 -14.01 -39.58
C21 CTX Q . -13.46 -12.88 -38.67
C22 CTX Q . -12.66 -15.03 -39.31
HA1 CTX Q . -21.24 -5.91 -41.57
HA2 CTX Q . -22.25 -5.56 -42.95
HA3 CTX Q . -20.56 -5.94 -43.17
HB1 CTX Q . -22.04 -7.88 -43.78
HB2 CTX Q . -22.72 -7.88 -42.22
HA11 CTX Q . -14.16 -11.52 -40.77
HA12 CTX Q . -14.08 -12.12 -42.39
HB11 CTX Q . -12.54 -13.42 -41.32
HB12 CTX Q . -13.91 -14.46 -41.58
H2 CTX Q . -18.26 -13.18 -41.42
H3 CTX Q . -20.00 -11.64 -42.27
H5 CTX Q . -17.08 -8.53 -42.65
H6 CTX Q . -15.35 -10.03 -41.95
H9 CTX Q . -18.59 -6.75 -43.94
H10 CTX Q . -17.98 -6.21 -46.28
H11 CTX Q . -18.53 -7.77 -48.10
H12 CTX Q . -19.73 -9.86 -47.61
H13 CTX Q . -20.38 -10.40 -45.29
H14 CTX Q . -22.89 -10.35 -38.53
H15 CTX Q . -20.97 -9.97 -37.04
H16 CTX Q . -18.92 -8.92 -37.94
H17 CTX Q . -18.81 -8.23 -40.32
H19 CTX Q . -22.78 -9.74 -40.92
H211 CTX Q . -14.37 -12.28 -38.57
H212 CTX Q . -12.71 -12.21 -39.08
H213 CTX Q . -13.15 -13.13 -37.66
H221 CTX Q . -11.66 -14.64 -39.48
H222 CTX Q . -12.79 -15.86 -40.01
H223 CTX Q . -12.68 -15.44 -38.30
#